data_5ODB
#
_entry.id   5ODB
#
_cell.length_a   47.368
_cell.length_b   66.714
_cell.length_c   72.764
_cell.angle_alpha   90.00
_cell.angle_beta   93.85
_cell.angle_gamma   90.00
#
_symmetry.space_group_name_H-M   'P 1 21 1'
#
loop_
_entity.id
_entity.type
_entity.pdbx_description
1 polymer 'D10 Fab fragment - heavy chain'
2 polymer 'D10 Fab fragment - light chain'
3 non-polymer 'SULFATE ION'
4 non-polymer GLYCEROL
5 water water
#
loop_
_entity_poly.entity_id
_entity_poly.type
_entity_poly.pdbx_seq_one_letter_code
_entity_poly.pdbx_strand_id
1 'polypeptide(L)'
;EVQLVESGGGVVQPGRSLRLSCAASGFTFSSYDMHWVRQAPGKGLEWVAVISYDGSNKYYADSVKGRFTISRDNSKNTLY
LHMNSLRAEDTAVYYCSKVRGAAATGYYYGMDVWGQGTTVTVSSAKTTAPSVYPLAPVCGDTTGSSVTLGCLVKGYFPEP
VTLTWNSGSLSSGVHTFPAVLQSDLYTLSSSVTVTSSTWPSQSITCNVAHPASSTKVDKKIEP
;
A
2 'polypeptide(L)'
;TSYELTQPPSVSVSPGQTASITCSGDKLGDKYACWYQQKPGQSPVLVIYQHSKRPSGIPERFSGSNSGNTATLTISGTQA
MDEADYYCQAWDSSTVVFGGGTKLTVLGQPKSSPSVTLFPPSSEELETNKATLVCTITDFYPGVVTVDWKVDGTPVTQGM
ETTQPSKQSNNKYMASSYLTLTARAWERHSSYSCQVTHEGHTVEKSLSRADCS
;
B
#
# COMPACT_ATOMS: atom_id res chain seq x y z
N GLU A 1 13.85 -22.12 -19.94
CA GLU A 1 12.93 -20.95 -19.96
C GLU A 1 13.61 -19.68 -19.43
N VAL A 2 12.90 -18.56 -19.60
CA VAL A 2 13.48 -17.24 -19.45
C VAL A 2 13.43 -16.91 -17.96
N GLN A 3 14.54 -16.42 -17.42
CA GLN A 3 14.71 -16.27 -15.98
C GLN A 3 15.55 -15.06 -15.55
N LEU A 4 15.12 -14.40 -14.46
CA LEU A 4 15.88 -13.34 -13.80
C LEU A 4 15.98 -13.59 -12.30
N VAL A 5 17.21 -13.62 -11.78
CA VAL A 5 17.46 -13.91 -10.37
C VAL A 5 18.15 -12.73 -9.71
N GLU A 6 17.51 -12.20 -8.69
CA GLU A 6 17.96 -11.00 -8.05
C GLU A 6 18.67 -11.28 -6.76
N SER A 7 19.58 -10.37 -6.41
CA SER A 7 20.27 -10.41 -5.15
C SER A 7 20.76 -9.02 -4.78
N GLY A 8 21.26 -8.87 -3.56
CA GLY A 8 21.92 -7.64 -3.15
C GLY A 8 21.11 -6.74 -2.25
N GLY A 9 19.84 -7.11 -2.01
CA GLY A 9 18.99 -6.38 -1.10
C GLY A 9 19.50 -6.50 0.32
N GLY A 10 19.10 -5.55 1.15
CA GLY A 10 19.57 -5.49 2.50
C GLY A 10 19.00 -4.36 3.32
N VAL A 11 19.58 -4.25 4.51
CA VAL A 11 19.13 -3.35 5.52
C VAL A 11 20.29 -2.36 5.71
N VAL A 12 20.07 -1.09 5.36
CA VAL A 12 21.14 -0.07 5.53
C VAL A 12 20.59 1.26 6.02
N GLN A 13 21.52 2.08 6.49
CA GLN A 13 21.21 3.37 7.00
C GLN A 13 20.92 4.37 5.88
N PRO A 14 20.10 5.37 6.17
CA PRO A 14 19.97 6.48 5.24
C PRO A 14 21.33 7.11 4.96
N GLY A 15 21.55 7.48 3.69
CA GLY A 15 22.82 7.99 3.24
C GLY A 15 23.79 6.96 2.69
N ARG A 16 23.57 5.68 2.98
CA ARG A 16 24.46 4.64 2.52
C ARG A 16 24.11 4.13 1.12
N SER A 17 24.91 3.19 0.65
CA SER A 17 24.77 2.58 -0.68
C SER A 17 24.48 1.08 -0.64
N LEU A 18 23.89 0.59 -1.73
CA LEU A 18 23.72 -0.82 -1.98
C LEU A 18 23.86 -1.05 -3.46
N ARG A 19 24.29 -2.24 -3.85
CA ARG A 19 24.20 -2.67 -5.23
C ARG A 19 23.24 -3.86 -5.34
N LEU A 20 22.21 -3.72 -6.16
CA LEU A 20 21.35 -4.84 -6.54
C LEU A 20 21.84 -5.47 -7.83
N SER A 21 21.73 -6.80 -7.93
CA SER A 21 22.10 -7.56 -9.13
C SER A 21 20.89 -8.33 -9.62
N CYS A 22 20.88 -8.60 -10.91
CA CYS A 22 19.81 -9.30 -11.57
C CYS A 22 20.48 -10.14 -12.66
N ALA A 23 20.57 -11.45 -12.41
CA ALA A 23 21.29 -12.40 -13.27
C ALA A 23 20.30 -13.07 -14.21
N ALA A 24 20.58 -12.98 -15.51
CA ALA A 24 19.66 -13.36 -16.57
C ALA A 24 20.11 -14.63 -17.25
N SER A 25 19.15 -15.48 -17.56
CA SER A 25 19.41 -16.69 -18.36
C SER A 25 18.17 -17.06 -19.16
N GLY A 26 18.40 -17.85 -20.21
CA GLY A 26 17.33 -18.32 -21.07
C GLY A 26 16.88 -17.40 -22.18
N PHE A 27 17.59 -16.29 -22.40
CA PHE A 27 17.35 -15.40 -23.54
C PHE A 27 18.62 -14.68 -23.94
N THR A 28 18.61 -14.08 -25.12
CA THR A 28 19.74 -13.33 -25.60
C THR A 28 19.73 -11.98 -24.86
N PHE A 29 20.40 -11.92 -23.70
CA PHE A 29 20.37 -10.74 -22.81
C PHE A 29 20.63 -9.39 -23.49
N SER A 30 21.64 -9.35 -24.37
CA SER A 30 22.03 -8.12 -25.02
C SER A 30 21.05 -7.63 -26.08
N SER A 31 19.98 -8.40 -26.35
CA SER A 31 18.96 -7.99 -27.30
C SER A 31 17.75 -7.33 -26.62
N TYR A 32 17.79 -7.13 -25.30
CA TYR A 32 16.61 -6.61 -24.58
C TYR A 32 16.93 -5.46 -23.64
N ASP A 33 16.11 -4.43 -23.72
CA ASP A 33 16.05 -3.40 -22.65
C ASP A 33 15.71 -4.10 -21.31
N MET A 34 16.27 -3.59 -20.22
CA MET A 34 16.03 -4.09 -18.89
C MET A 34 15.63 -2.94 -17.96
N HIS A 35 14.71 -3.21 -17.03
CA HIS A 35 14.21 -2.20 -16.11
C HIS A 35 14.38 -2.62 -14.65
N TRP A 36 14.41 -1.62 -13.78
CA TRP A 36 14.12 -1.81 -12.35
C TRP A 36 12.76 -1.14 -12.05
N VAL A 37 11.95 -1.84 -11.24
CA VAL A 37 10.65 -1.40 -10.79
C VAL A 37 10.60 -1.70 -9.29
N ARG A 38 10.05 -0.81 -8.49
CA ARG A 38 9.94 -1.07 -7.04
C ARG A 38 8.53 -0.99 -6.52
N GLN A 39 8.34 -1.49 -5.29
CA GLN A 39 7.01 -1.55 -4.69
C GLN A 39 7.15 -1.43 -3.17
N ALA A 40 6.71 -0.28 -2.68
CA ALA A 40 6.72 0.05 -1.25
C ALA A 40 5.60 -0.72 -0.56
N PRO A 41 5.69 -0.87 0.78
CA PRO A 41 4.71 -1.70 1.52
C PRO A 41 3.26 -1.28 1.29
N GLY A 42 2.46 -2.19 0.74
CA GLY A 42 1.06 -1.93 0.42
C GLY A 42 0.75 -1.00 -0.75
N LYS A 43 1.78 -0.58 -1.51
CA LYS A 43 1.65 0.44 -2.53
C LYS A 43 1.78 -0.19 -3.92
N GLY A 44 1.63 0.65 -4.94
CA GLY A 44 1.70 0.18 -6.30
C GLY A 44 3.10 0.06 -6.86
N LEU A 45 3.15 -0.53 -8.03
CA LEU A 45 4.40 -0.58 -8.79
C LEU A 45 4.87 0.82 -9.18
N GLU A 46 6.16 1.08 -9.02
CA GLU A 46 6.75 2.39 -9.28
C GLU A 46 8.02 2.13 -10.13
N TRP A 47 8.01 2.64 -11.35
CA TRP A 47 9.19 2.50 -12.21
C TRP A 47 10.40 3.20 -11.60
N VAL A 48 11.58 2.58 -11.73
CA VAL A 48 12.84 3.18 -11.26
C VAL A 48 13.79 3.59 -12.37
N ALA A 49 14.08 2.68 -13.30
CA ALA A 49 15.07 2.97 -14.34
C ALA A 49 15.01 1.95 -15.46
N VAL A 50 15.55 2.34 -16.61
CA VAL A 50 15.70 1.47 -17.77
C VAL A 50 17.11 1.66 -18.35
N ILE A 51 17.64 0.57 -18.91
CA ILE A 51 18.86 0.63 -19.70
C ILE A 51 18.55 -0.06 -21.02
N SER A 52 18.91 0.58 -22.13
CA SER A 52 18.69 -0.04 -23.44
C SER A 52 19.52 -1.32 -23.63
N TYR A 53 19.04 -2.15 -24.55
CA TYR A 53 19.67 -3.42 -24.90
C TYR A 53 21.18 -3.34 -25.11
N ASP A 54 21.58 -2.29 -25.83
CA ASP A 54 23.00 -2.08 -26.14
C ASP A 54 23.74 -1.22 -25.13
N GLY A 55 23.04 -0.78 -24.09
CA GLY A 55 23.63 -0.01 -22.99
C GLY A 55 23.86 1.46 -23.29
N SER A 56 23.46 1.93 -24.46
CA SER A 56 23.74 3.29 -24.90
C SER A 56 22.87 4.33 -24.19
N ASN A 57 21.66 3.94 -23.77
CA ASN A 57 20.68 4.88 -23.23
C ASN A 57 20.22 4.38 -21.87
N LYS A 58 20.18 5.29 -20.92
CA LYS A 58 19.71 5.04 -19.55
C LYS A 58 18.77 6.14 -19.18
N TYR A 59 17.64 5.79 -18.57
CA TYR A 59 16.66 6.80 -18.09
C TYR A 59 16.19 6.43 -16.69
N TYR A 60 15.80 7.46 -15.93
CA TYR A 60 15.53 7.33 -14.51
C TYR A 60 14.25 8.02 -14.12
N ALA A 61 13.56 7.46 -13.14
CA ALA A 61 12.48 8.17 -12.48
C ALA A 61 13.01 9.42 -11.79
N ASP A 62 12.22 10.50 -11.81
CA ASP A 62 12.62 11.73 -11.11
C ASP A 62 12.96 11.48 -9.63
N SER A 63 12.28 10.52 -8.99
CA SER A 63 12.48 10.24 -7.56
C SER A 63 13.87 9.73 -7.21
N VAL A 64 14.61 9.23 -8.20
CA VAL A 64 15.96 8.64 -7.98
C VAL A 64 17.08 9.30 -8.80
N LYS A 65 16.73 10.29 -9.61
CA LYS A 65 17.73 10.92 -10.49
C LYS A 65 18.85 11.53 -9.66
N GLY A 66 20.08 11.25 -10.05
CA GLY A 66 21.26 11.70 -9.34
C GLY A 66 21.74 10.80 -8.23
N ARG A 67 20.90 9.85 -7.82
CA ARG A 67 21.23 8.97 -6.71
C ARG A 67 21.46 7.51 -7.13
N PHE A 68 20.65 7.00 -8.04
CA PHE A 68 20.74 5.63 -8.50
C PHE A 68 21.30 5.63 -9.91
N THR A 69 22.10 4.62 -10.24
CA THR A 69 22.54 4.42 -11.61
C THR A 69 22.32 2.97 -11.99
N ILE A 70 21.93 2.79 -13.25
CA ILE A 70 21.67 1.47 -13.81
C ILE A 70 22.83 1.13 -14.74
N SER A 71 23.22 -0.13 -14.73
CA SER A 71 24.24 -0.62 -15.68
C SER A 71 24.00 -2.08 -16.00
N ARG A 72 24.72 -2.57 -17.01
CA ARG A 72 24.64 -3.97 -17.38
C ARG A 72 26.01 -4.43 -17.82
N ASP A 73 26.32 -5.68 -17.52
CA ASP A 73 27.53 -6.36 -18.03
C ASP A 73 27.02 -7.50 -18.90
N ASN A 74 26.93 -7.25 -20.21
CA ASN A 74 26.44 -8.24 -21.19
C ASN A 74 27.31 -9.51 -21.26
N SER A 75 28.60 -9.38 -20.94
CA SER A 75 29.50 -10.53 -20.86
C SER A 75 29.13 -11.50 -19.71
N LYS A 76 28.51 -10.98 -18.65
CA LYS A 76 28.03 -11.78 -17.53
C LYS A 76 26.49 -11.93 -17.50
N ASN A 77 25.77 -11.45 -18.51
CA ASN A 77 24.31 -11.52 -18.50
C ASN A 77 23.71 -10.98 -17.19
N THR A 78 24.27 -9.89 -16.68
CA THR A 78 23.82 -9.34 -15.41
C THR A 78 23.48 -7.86 -15.52
N LEU A 79 22.39 -7.49 -14.84
CA LEU A 79 21.90 -6.12 -14.75
C LEU A 79 22.15 -5.65 -13.32
N TYR A 80 22.53 -4.40 -13.13
CA TYR A 80 22.79 -3.84 -11.81
C TYR A 80 21.98 -2.58 -11.54
N LEU A 81 21.71 -2.35 -10.26
CA LEU A 81 21.25 -1.04 -9.79
C LEU A 81 22.17 -0.60 -8.69
N HIS A 82 22.86 0.52 -8.92
CA HIS A 82 23.78 1.07 -7.94
C HIS A 82 23.01 2.15 -7.18
N MET A 83 22.64 1.89 -5.92
CA MET A 83 21.80 2.78 -5.12
C MET A 83 22.69 3.57 -4.18
N ASN A 84 22.78 4.88 -4.36
CA ASN A 84 23.52 5.76 -3.44
C ASN A 84 22.61 6.71 -2.74
N SER A 85 23.08 7.32 -1.67
CA SER A 85 22.31 8.34 -0.98
C SER A 85 20.89 7.84 -0.64
N LEU A 86 20.83 6.64 -0.06
CA LEU A 86 19.54 6.02 0.22
C LEU A 86 18.74 6.79 1.22
N ARG A 87 17.42 6.73 1.07
CA ARG A 87 16.47 7.42 1.91
C ARG A 87 15.47 6.42 2.47
N ALA A 88 14.89 6.74 3.60
CA ALA A 88 13.81 5.92 4.15
C ALA A 88 12.74 5.58 3.12
N GLU A 89 12.37 6.59 2.32
CA GLU A 89 11.32 6.43 1.29
C GLU A 89 11.72 5.53 0.13
N ASP A 90 12.99 5.13 0.04
CA ASP A 90 13.42 4.12 -0.90
C ASP A 90 13.13 2.69 -0.46
N THR A 91 12.59 2.52 0.75
CA THR A 91 12.24 1.20 1.26
C THR A 91 11.18 0.53 0.37
N ALA A 92 11.50 -0.65 -0.11
CA ALA A 92 10.63 -1.32 -1.10
C ALA A 92 11.18 -2.67 -1.48
N VAL A 93 10.33 -3.45 -2.14
CA VAL A 93 10.80 -4.61 -2.87
C VAL A 93 11.20 -4.08 -4.25
N TYR A 94 12.39 -4.44 -4.68
CA TYR A 94 12.92 -4.05 -6.00
C TYR A 94 12.89 -5.25 -6.95
N TYR A 95 12.24 -5.10 -8.10
CA TYR A 95 12.21 -6.11 -9.15
C TYR A 95 13.04 -5.66 -10.33
N CYS A 96 13.71 -6.59 -10.99
CA CYS A 96 14.16 -6.34 -12.35
C CYS A 96 13.17 -6.96 -13.33
N SER A 97 13.15 -6.41 -14.51
CA SER A 97 12.28 -6.94 -15.57
C SER A 97 12.94 -6.87 -16.93
N LYS A 98 12.56 -7.83 -17.77
CA LYS A 98 12.93 -7.89 -19.16
C LYS A 98 11.75 -7.44 -20.01
N VAL A 99 12.02 -6.66 -21.05
CA VAL A 99 10.99 -6.29 -22.02
C VAL A 99 10.69 -7.41 -22.99
N ARG A 100 9.44 -7.52 -23.39
CA ARG A 100 9.06 -8.50 -24.42
C ARG A 100 9.66 -8.18 -25.78
N GLY A 101 9.60 -6.93 -26.17
CA GLY A 101 10.06 -6.50 -27.50
C GLY A 101 11.56 -6.42 -27.57
N ALA A 102 12.15 -7.10 -28.55
CA ALA A 102 13.60 -7.10 -28.70
C ALA A 102 14.10 -5.81 -29.33
N ALA A 103 15.34 -5.48 -28.98
CA ALA A 103 16.07 -4.35 -29.56
C ALA A 103 15.25 -3.04 -29.54
N ALA A 104 15.02 -2.39 -30.67
CA ALA A 104 14.31 -1.10 -30.73
C ALA A 104 12.84 -1.12 -30.37
N THR A 105 12.24 -2.30 -30.17
CA THR A 105 10.82 -2.41 -29.85
C THR A 105 10.51 -2.54 -28.35
N GLY A 106 11.53 -2.41 -27.51
CA GLY A 106 11.40 -2.70 -26.09
C GLY A 106 10.38 -1.88 -25.30
N TYR A 107 10.10 -0.65 -25.71
CA TYR A 107 9.09 0.15 -25.01
C TYR A 107 7.67 -0.24 -25.33
N TYR A 108 7.44 -1.05 -26.37
CA TYR A 108 6.12 -1.17 -26.97
C TYR A 108 5.26 -2.33 -26.51
N TYR A 109 5.87 -3.41 -26.05
CA TYR A 109 5.19 -4.69 -25.94
C TYR A 109 5.21 -5.31 -24.54
N GLY A 110 5.37 -4.48 -23.52
CA GLY A 110 5.28 -4.93 -22.14
C GLY A 110 6.56 -5.52 -21.59
N MET A 111 6.53 -5.82 -20.28
CA MET A 111 7.63 -6.46 -19.56
C MET A 111 7.22 -7.89 -19.31
N ASP A 112 7.83 -8.85 -20.04
CA ASP A 112 7.34 -10.23 -19.97
C ASP A 112 7.92 -11.11 -18.89
N VAL A 113 9.12 -10.80 -18.39
CA VAL A 113 9.74 -11.60 -17.35
C VAL A 113 10.21 -10.69 -16.23
N TRP A 114 9.93 -11.12 -15.01
CA TRP A 114 10.26 -10.37 -13.81
C TRP A 114 11.07 -11.23 -12.87
N GLY A 115 12.00 -10.60 -12.16
CA GLY A 115 12.65 -11.24 -11.03
C GLY A 115 11.72 -11.50 -9.87
N GLN A 116 12.23 -12.23 -8.88
CA GLN A 116 11.47 -12.59 -7.68
C GLN A 116 11.38 -11.45 -6.65
N GLY A 117 12.20 -10.43 -6.85
CA GLY A 117 12.25 -9.29 -5.94
C GLY A 117 13.34 -9.45 -4.88
N THR A 118 13.92 -8.33 -4.50
CA THR A 118 14.87 -8.27 -3.37
C THR A 118 14.48 -7.06 -2.52
N THR A 119 14.47 -7.24 -1.20
CA THR A 119 13.94 -6.22 -0.29
C THR A 119 15.07 -5.29 0.15
N VAL A 120 14.78 -4.00 0.11
CA VAL A 120 15.68 -2.95 0.61
C VAL A 120 14.93 -2.19 1.67
N THR A 121 15.52 -2.08 2.87
CA THR A 121 14.88 -1.46 4.00
C THR A 121 15.85 -0.45 4.58
N VAL A 122 15.43 0.82 4.61
CA VAL A 122 16.30 1.93 4.97
C VAL A 122 15.70 2.66 6.15
N SER A 123 16.39 2.65 7.28
CA SER A 123 15.90 3.25 8.51
C SER A 123 17.08 3.56 9.43
N SER A 124 16.99 4.67 10.13
CA SER A 124 17.95 5.00 11.19
C SER A 124 17.35 4.88 12.58
N ALA A 125 16.16 4.28 12.69
CA ALA A 125 15.46 4.19 13.99
C ALA A 125 16.22 3.35 15.03
N LYS A 126 16.15 3.83 16.27
CA LYS A 126 16.69 3.14 17.43
C LYS A 126 15.56 2.61 18.28
N THR A 127 15.89 1.73 19.23
CA THR A 127 14.88 1.24 20.13
C THR A 127 14.18 2.40 20.82
N THR A 128 12.84 2.38 20.75
CA THR A 128 11.98 3.43 21.28
C THR A 128 10.76 2.81 21.90
N ALA A 129 10.49 3.18 23.17
CA ALA A 129 9.31 2.69 23.84
C ALA A 129 8.05 3.36 23.32
N PRO A 130 6.96 2.59 23.19
CA PRO A 130 5.70 3.23 22.78
C PRO A 130 5.14 4.14 23.85
N SER A 131 4.41 5.16 23.42
CA SER A 131 3.49 5.89 24.28
C SER A 131 2.12 5.22 24.11
N VAL A 132 1.42 4.97 25.21
CA VAL A 132 0.17 4.23 25.16
C VAL A 132 -0.98 5.14 25.62
N TYR A 133 -1.90 5.45 24.70
CA TYR A 133 -2.98 6.38 24.97
C TYR A 133 -4.34 5.75 24.88
N PRO A 134 -5.28 6.27 25.68
CA PRO A 134 -6.65 5.80 25.63
C PRO A 134 -7.43 6.38 24.45
N LEU A 135 -8.30 5.55 23.90
CA LEU A 135 -9.25 5.94 22.87
C LEU A 135 -10.65 5.77 23.47
N ALA A 136 -11.33 6.90 23.65
CA ALA A 136 -12.68 6.92 24.20
C ALA A 136 -13.53 7.95 23.45
N PRO A 137 -14.85 7.73 23.36
CA PRO A 137 -15.75 8.63 22.62
C PRO A 137 -15.93 9.97 23.29
N VAL A 138 -16.26 10.99 22.51
CA VAL A 138 -16.45 12.36 23.06
C VAL A 138 -17.66 12.43 23.99
N SER A 145 -26.40 1.48 22.58
CA SER A 145 -26.51 0.08 23.01
C SER A 145 -25.14 -0.56 23.28
N SER A 146 -24.21 -0.41 22.32
CA SER A 146 -22.82 -0.85 22.49
C SER A 146 -21.88 0.36 22.42
N VAL A 147 -20.66 0.21 22.92
CA VAL A 147 -19.68 1.29 22.93
C VAL A 147 -18.31 0.75 22.52
N THR A 148 -17.57 1.56 21.76
CA THR A 148 -16.27 1.15 21.22
C THR A 148 -15.17 2.01 21.85
N LEU A 149 -14.26 1.33 22.53
CA LEU A 149 -13.12 1.95 23.21
C LEU A 149 -11.87 1.46 22.50
N GLY A 150 -10.72 2.03 22.84
CA GLY A 150 -9.49 1.55 22.23
C GLY A 150 -8.23 2.00 22.93
N CYS A 151 -7.13 1.67 22.28
CA CYS A 151 -5.82 1.82 22.80
C CYS A 151 -4.88 2.16 21.61
N LEU A 152 -4.19 3.28 21.72
CA LEU A 152 -3.26 3.77 20.71
C LEU A 152 -1.84 3.52 21.24
N VAL A 153 -1.04 2.81 20.44
CA VAL A 153 0.33 2.43 20.81
C VAL A 153 1.21 3.17 19.82
N LYS A 154 1.70 4.32 20.22
CA LYS A 154 2.32 5.27 19.31
C LYS A 154 3.82 5.34 19.49
N GLY A 155 4.52 5.14 18.37
CA GLY A 155 5.91 5.52 18.27
C GLY A 155 6.88 4.55 18.91
N TYR A 156 6.78 3.26 18.55
CA TYR A 156 7.71 2.25 19.05
C TYR A 156 8.62 1.73 17.93
N PHE A 157 9.76 1.18 18.35
CA PHE A 157 10.68 0.55 17.41
C PHE A 157 11.62 -0.34 18.21
N PRO A 158 12.01 -1.50 17.69
CA PRO A 158 11.52 -2.17 16.48
C PRO A 158 10.26 -2.93 16.79
N GLU A 159 9.80 -3.75 15.84
CA GLU A 159 8.87 -4.85 16.18
C GLU A 159 9.68 -5.88 17.01
N PRO A 160 9.09 -6.64 17.91
CA PRO A 160 7.66 -6.78 18.10
C PRO A 160 7.11 -5.98 19.29
N VAL A 161 5.79 -5.81 19.25
CA VAL A 161 4.98 -5.34 20.34
C VAL A 161 3.74 -6.25 20.47
N THR A 162 3.23 -6.41 21.69
CA THR A 162 1.96 -7.14 21.94
C THR A 162 0.98 -6.30 22.71
N LEU A 163 -0.31 -6.50 22.39
CA LEU A 163 -1.37 -5.78 23.02
C LEU A 163 -2.45 -6.79 23.41
N THR A 164 -2.89 -6.74 24.65
CA THR A 164 -4.04 -7.53 25.13
C THR A 164 -5.02 -6.62 25.86
N TRP A 165 -6.21 -7.15 26.14
CA TRP A 165 -7.22 -6.44 26.91
C TRP A 165 -7.53 -7.22 28.20
N ASN A 166 -7.58 -6.51 29.32
CA ASN A 166 -7.77 -7.09 30.67
C ASN A 166 -6.92 -8.34 30.91
N SER A 167 -5.63 -8.19 30.60
CA SER A 167 -4.61 -9.25 30.71
C SER A 167 -4.96 -10.52 29.93
N GLY A 168 -5.60 -10.34 28.78
CA GLY A 168 -6.06 -11.43 27.93
C GLY A 168 -7.46 -11.98 28.23
N SER A 169 -8.09 -11.51 29.32
CA SER A 169 -9.43 -11.99 29.73
C SER A 169 -10.56 -11.54 28.81
N LEU A 170 -10.33 -10.45 28.09
CA LEU A 170 -11.30 -9.88 27.16
C LEU A 170 -10.70 -10.00 25.75
N SER A 171 -11.23 -10.94 24.98
CA SER A 171 -10.82 -11.15 23.59
C SER A 171 -11.96 -11.03 22.56
N SER A 172 -13.22 -10.96 23.01
CA SER A 172 -14.35 -10.79 22.10
C SER A 172 -14.60 -9.32 21.80
N GLY A 173 -14.97 -9.04 20.55
CA GLY A 173 -15.26 -7.69 20.09
C GLY A 173 -14.02 -6.83 19.96
N VAL A 174 -12.86 -7.47 19.80
CA VAL A 174 -11.54 -6.81 19.69
C VAL A 174 -11.06 -6.78 18.24
N HIS A 175 -10.54 -5.63 17.81
CA HIS A 175 -9.87 -5.52 16.51
C HIS A 175 -8.53 -4.86 16.73
N THR A 176 -7.45 -5.59 16.49
CA THR A 176 -6.10 -5.03 16.55
C THR A 176 -5.60 -4.85 15.13
N PHE A 177 -5.32 -3.58 14.79
CA PHE A 177 -5.00 -3.19 13.43
C PHE A 177 -3.52 -3.40 13.14
N PRO A 178 -3.14 -3.52 11.85
CA PRO A 178 -1.76 -3.61 11.48
C PRO A 178 -0.99 -2.38 11.89
N ALA A 179 0.28 -2.56 12.24
CA ALA A 179 1.17 -1.44 12.41
C ALA A 179 1.35 -0.65 11.11
N VAL A 180 1.58 0.64 11.27
CA VAL A 180 1.98 1.45 10.15
C VAL A 180 3.16 2.33 10.60
N LEU A 181 3.99 2.68 9.62
CA LEU A 181 5.15 3.54 9.86
C LEU A 181 4.68 4.97 9.81
N GLN A 182 4.97 5.70 10.86
CA GLN A 182 4.58 7.08 11.06
C GLN A 182 5.73 7.80 11.75
N SER A 183 6.25 8.86 11.12
CA SER A 183 7.39 9.61 11.65
C SER A 183 8.59 8.68 11.96
N ASP A 184 8.80 7.71 11.08
CA ASP A 184 9.90 6.73 11.17
C ASP A 184 9.89 5.79 12.39
N LEU A 185 8.73 5.67 13.01
CA LEU A 185 8.49 4.74 14.10
C LEU A 185 7.18 4.05 13.82
N TYR A 186 6.89 2.98 14.54
CA TYR A 186 5.64 2.26 14.34
C TYR A 186 4.52 2.75 15.25
N THR A 187 3.30 2.77 14.72
CA THR A 187 2.06 3.07 15.48
C THR A 187 1.05 1.98 15.19
N LEU A 188 0.43 1.48 16.26
CA LEU A 188 -0.56 0.40 16.24
C LEU A 188 -1.76 0.85 17.08
N SER A 189 -2.94 0.34 16.80
CA SER A 189 -4.10 0.58 17.67
C SER A 189 -4.95 -0.68 17.74
N SER A 190 -5.75 -0.76 18.79
CA SER A 190 -6.71 -1.81 18.98
C SER A 190 -8.00 -1.19 19.51
N SER A 191 -9.13 -1.71 19.04
CA SER A 191 -10.43 -1.29 19.60
C SER A 191 -11.10 -2.48 20.28
N VAL A 192 -11.94 -2.17 21.26
CA VAL A 192 -12.80 -3.18 21.89
C VAL A 192 -14.20 -2.60 22.00
N THR A 193 -15.17 -3.40 21.53
CA THR A 193 -16.57 -3.02 21.53
C THR A 193 -17.27 -3.84 22.62
N VAL A 194 -17.97 -3.14 23.51
CA VAL A 194 -18.72 -3.78 24.61
C VAL A 194 -20.11 -3.15 24.72
N THR A 195 -20.98 -3.79 25.51
CA THR A 195 -22.31 -3.24 25.76
C THR A 195 -22.17 -1.99 26.64
N SER A 196 -23.00 -0.97 26.40
CA SER A 196 -22.85 0.33 27.08
C SER A 196 -23.15 0.31 28.59
N SER A 197 -23.86 -0.71 29.08
CA SER A 197 -24.04 -0.92 30.52
C SER A 197 -22.80 -1.57 31.20
N THR A 198 -21.88 -2.13 30.40
CA THR A 198 -20.65 -2.74 30.92
C THR A 198 -19.58 -1.69 31.31
N TRP A 199 -19.45 -0.63 30.51
CA TRP A 199 -18.41 0.39 30.71
C TRP A 199 -19.08 1.78 30.80
N PRO A 200 -18.66 2.65 31.73
CA PRO A 200 -17.49 2.49 32.61
C PRO A 200 -17.72 1.75 33.93
N SER A 201 -18.92 1.21 34.15
CA SER A 201 -19.23 0.47 35.38
C SER A 201 -18.24 -0.67 35.69
N GLN A 202 -17.76 -1.36 34.64
CA GLN A 202 -16.70 -2.36 34.75
C GLN A 202 -15.43 -1.89 34.04
N SER A 203 -14.28 -2.38 34.51
CA SER A 203 -12.98 -1.83 34.09
C SER A 203 -12.47 -2.46 32.81
N ILE A 204 -11.91 -1.61 31.95
CA ILE A 204 -11.29 -2.05 30.70
C ILE A 204 -9.90 -1.43 30.63
N THR A 205 -8.91 -2.30 30.52
CA THR A 205 -7.50 -1.96 30.53
C THR A 205 -6.77 -2.61 29.33
N CYS A 206 -6.03 -1.80 28.58
CA CYS A 206 -5.13 -2.26 27.53
CA CYS A 206 -5.15 -2.39 27.55
C CYS A 206 -3.75 -2.58 28.14
N ASN A 207 -3.17 -3.73 27.84
CA ASN A 207 -1.84 -4.12 28.33
C ASN A 207 -0.90 -4.21 27.14
N VAL A 208 0.18 -3.42 27.17
CA VAL A 208 1.10 -3.33 26.04
C VAL A 208 2.46 -3.79 26.50
N ALA A 209 3.08 -4.69 25.73
CA ALA A 209 4.44 -5.16 26.02
C ALA A 209 5.35 -4.94 24.81
N HIS A 210 6.50 -4.33 25.06
CA HIS A 210 7.50 -4.06 24.03
CA HIS A 210 7.50 -4.06 24.03
C HIS A 210 8.86 -4.44 24.64
N PRO A 211 9.30 -5.68 24.41
CA PRO A 211 10.48 -6.17 25.18
C PRO A 211 11.78 -5.41 24.90
N ALA A 212 11.93 -4.86 23.70
CA ALA A 212 13.17 -4.13 23.37
C ALA A 212 13.44 -2.96 24.30
N SER A 213 12.37 -2.33 24.79
CA SER A 213 12.48 -1.15 25.63
C SER A 213 12.10 -1.44 27.08
N SER A 214 11.97 -2.71 27.42
CA SER A 214 11.54 -3.16 28.76
C SER A 214 10.18 -2.58 29.17
N THR A 215 9.27 -2.45 28.22
CA THR A 215 8.01 -1.78 28.44
C THR A 215 6.94 -2.82 28.72
N LYS A 216 6.27 -2.65 29.87
CA LYS A 216 5.02 -3.34 30.17
C LYS A 216 4.09 -2.32 30.81
N VAL A 217 3.08 -1.90 30.06
CA VAL A 217 2.21 -0.78 30.43
C VAL A 217 0.78 -1.29 30.50
N ASP A 218 0.05 -0.86 31.53
CA ASP A 218 -1.40 -1.10 31.63
C ASP A 218 -2.05 0.27 31.64
N LYS A 219 -3.00 0.46 30.72
CA LYS A 219 -3.64 1.74 30.60
C LYS A 219 -5.15 1.54 30.74
N LYS A 220 -5.71 2.08 31.82
CA LYS A 220 -7.15 1.93 32.09
C LYS A 220 -7.88 2.96 31.25
N ILE A 221 -8.94 2.54 30.57
CA ILE A 221 -9.69 3.44 29.69
C ILE A 221 -10.80 4.16 30.50
N GLU A 222 -10.68 5.48 30.62
CA GLU A 222 -11.61 6.32 31.39
C GLU A 222 -12.49 7.17 30.46
N PRO A 223 -13.70 7.57 30.93
CA PRO A 223 -14.49 8.56 30.17
C PRO A 223 -13.83 9.93 30.08
N TYR B 3 2.70 12.35 -17.83
CA TYR B 3 1.28 12.31 -17.33
C TYR B 3 1.11 11.11 -16.40
N GLU B 4 0.05 11.15 -15.60
CA GLU B 4 -0.27 10.05 -14.66
C GLU B 4 -1.38 9.15 -15.19
N LEU B 5 -1.24 7.84 -14.92
CA LEU B 5 -2.26 6.87 -15.26
C LEU B 5 -3.08 6.55 -14.04
N THR B 6 -4.40 6.66 -14.17
CA THR B 6 -5.30 6.34 -13.08
C THR B 6 -6.26 5.23 -13.44
N GLN B 7 -6.68 4.51 -12.40
CA GLN B 7 -7.59 3.38 -12.52
C GLN B 7 -8.34 3.27 -11.21
N PRO B 8 -9.53 2.64 -11.26
CA PRO B 8 -10.29 2.55 -10.03
C PRO B 8 -9.58 1.69 -8.96
N PRO B 9 -9.59 2.11 -7.69
CA PRO B 9 -8.90 1.26 -6.68
C PRO B 9 -9.48 -0.15 -6.54
N SER B 10 -10.79 -0.28 -6.78
CA SER B 10 -11.52 -1.52 -6.60
C SER B 10 -12.52 -1.77 -7.73
N VAL B 11 -12.53 -3.00 -8.21
CA VAL B 11 -13.60 -3.53 -9.07
C VAL B 11 -14.01 -4.86 -8.47
N SER B 12 -15.31 -5.13 -8.40
CA SER B 12 -15.76 -6.41 -7.86
C SER B 12 -16.79 -7.01 -8.78
N VAL B 13 -16.71 -8.32 -8.94
CA VAL B 13 -17.71 -9.09 -9.71
C VAL B 13 -17.92 -10.42 -9.06
N SER B 14 -19.03 -11.06 -9.37
CA SER B 14 -19.26 -12.43 -8.97
C SER B 14 -18.61 -13.40 -9.96
N PRO B 15 -18.24 -14.61 -9.51
CA PRO B 15 -17.75 -15.60 -10.46
C PRO B 15 -18.67 -15.74 -11.65
N GLY B 16 -18.08 -15.76 -12.85
CA GLY B 16 -18.82 -15.90 -14.09
C GLY B 16 -19.12 -14.58 -14.75
N GLN B 17 -19.10 -13.49 -14.00
CA GLN B 17 -19.38 -12.19 -14.56
C GLN B 17 -18.15 -11.68 -15.27
N THR B 18 -18.35 -10.64 -16.06
CA THR B 18 -17.24 -10.03 -16.78
C THR B 18 -16.73 -8.84 -15.99
N ALA B 19 -15.42 -8.81 -15.73
CA ALA B 19 -14.80 -7.69 -15.04
C ALA B 19 -14.25 -6.72 -16.08
N SER B 20 -14.38 -5.42 -15.79
CA SER B 20 -13.90 -4.37 -16.66
C SER B 20 -13.04 -3.45 -15.80
N ILE B 21 -11.76 -3.29 -16.17
CA ILE B 21 -10.82 -2.42 -15.43
C ILE B 21 -10.24 -1.40 -16.39
N THR B 22 -10.52 -0.12 -16.17
CA THR B 22 -10.11 0.94 -17.09
C THR B 22 -9.05 1.87 -16.51
N CYS B 23 -8.00 2.03 -17.32
CA CYS B 23 -6.88 2.93 -17.15
CA CYS B 23 -6.96 3.04 -17.09
C CYS B 23 -7.09 4.22 -17.99
N SER B 24 -6.68 5.39 -17.49
CA SER B 24 -6.86 6.66 -18.21
C SER B 24 -5.68 7.57 -17.96
N GLY B 25 -5.28 8.33 -18.97
CA GLY B 25 -4.20 9.31 -18.79
C GLY B 25 -4.15 10.26 -19.97
N ASP B 26 -3.59 11.44 -19.73
CA ASP B 26 -3.63 12.51 -20.73
CA ASP B 26 -3.59 12.53 -20.71
C ASP B 26 -3.13 12.13 -22.12
N LYS B 27 -2.05 11.40 -22.23
CA LYS B 27 -1.65 11.06 -23.63
C LYS B 27 -1.67 9.59 -23.91
N LEU B 28 -2.52 8.87 -23.17
CA LEU B 28 -2.44 7.42 -23.19
C LEU B 28 -2.78 6.87 -24.56
N GLY B 29 -3.64 7.57 -25.30
CA GLY B 29 -4.07 7.09 -26.62
C GLY B 29 -3.00 7.12 -27.70
N ASP B 30 -1.92 7.85 -27.43
CA ASP B 30 -0.75 7.85 -28.30
C ASP B 30 0.16 6.65 -28.04
N LYS B 31 -0.12 5.85 -27.02
CA LYS B 31 0.77 4.76 -26.63
C LYS B 31 0.06 3.42 -26.79
N TYR B 32 0.82 2.36 -26.58
CA TYR B 32 0.30 1.03 -26.34
C TYR B 32 0.21 0.85 -24.84
N ALA B 33 -0.89 0.28 -24.40
CA ALA B 33 -1.09 -0.06 -22.99
C ALA B 33 -0.91 -1.53 -22.81
N CYS B 34 -0.30 -1.88 -21.68
CA CYS B 34 -0.20 -3.27 -21.25
C CYS B 34 -0.68 -3.38 -19.82
N TRP B 35 -0.89 -4.61 -19.42
CA TRP B 35 -1.50 -4.93 -18.13
C TRP B 35 -0.75 -6.05 -17.45
N TYR B 36 -0.56 -5.86 -16.13
CA TYR B 36 0.03 -6.85 -15.25
C TYR B 36 -0.95 -7.31 -14.21
N GLN B 37 -0.91 -8.61 -13.95
CA GLN B 37 -1.59 -9.21 -12.81
C GLN B 37 -0.56 -9.41 -11.71
N GLN B 38 -0.91 -9.10 -10.48
CA GLN B 38 -0.03 -9.36 -9.34
C GLN B 38 -0.84 -9.86 -8.15
N LYS B 39 -0.46 -11.05 -7.69
CA LYS B 39 -1.02 -11.62 -6.45
C LYS B 39 -0.09 -11.41 -5.28
N PRO B 40 -0.63 -11.47 -4.04
CA PRO B 40 0.16 -11.11 -2.87
C PRO B 40 1.43 -11.93 -2.74
N GLY B 41 2.55 -11.24 -2.55
CA GLY B 41 3.86 -11.85 -2.38
C GLY B 41 4.42 -12.49 -3.64
N GLN B 42 3.88 -12.09 -4.81
CA GLN B 42 4.30 -12.65 -6.09
C GLN B 42 4.73 -11.53 -7.01
N SER B 43 5.53 -11.89 -8.01
CA SER B 43 5.98 -10.96 -9.03
C SER B 43 4.84 -10.69 -10.02
N PRO B 44 4.85 -9.51 -10.66
CA PRO B 44 3.87 -9.27 -11.70
C PRO B 44 3.99 -10.22 -12.88
N VAL B 45 2.87 -10.37 -13.57
CA VAL B 45 2.72 -11.22 -14.73
C VAL B 45 2.05 -10.42 -15.82
N LEU B 46 2.66 -10.39 -17.00
CA LEU B 46 2.11 -9.70 -18.17
C LEU B 46 0.95 -10.48 -18.75
N VAL B 47 -0.26 -9.91 -18.67
CA VAL B 47 -1.47 -10.62 -19.17
C VAL B 47 -1.92 -10.12 -20.53
N ILE B 48 -1.73 -8.83 -20.82
CA ILE B 48 -2.12 -8.22 -22.06
C ILE B 48 -1.08 -7.19 -22.46
N TYR B 49 -0.75 -7.11 -23.75
CA TYR B 49 0.11 -6.04 -24.23
C TYR B 49 -0.47 -5.53 -25.55
N GLN B 50 0.01 -4.37 -25.99
CA GLN B 50 -0.51 -3.70 -27.18
C GLN B 50 -2.05 -3.67 -27.17
N HIS B 51 -2.58 -3.20 -26.05
CA HIS B 51 -4.01 -3.09 -25.82
C HIS B 51 -4.78 -4.39 -25.69
N SER B 52 -4.56 -5.36 -26.61
CA SER B 52 -5.45 -6.50 -26.75
C SER B 52 -4.81 -7.89 -26.94
N LYS B 53 -3.48 -7.98 -26.94
CA LYS B 53 -2.80 -9.24 -27.25
C LYS B 53 -2.39 -10.00 -26.01
N ARG B 54 -2.61 -11.31 -25.98
CA ARG B 54 -2.20 -12.17 -24.89
C ARG B 54 -0.89 -12.86 -25.23
N PRO B 55 0.08 -12.81 -24.32
CA PRO B 55 1.22 -13.70 -24.42
C PRO B 55 0.81 -15.17 -24.31
N SER B 56 1.65 -16.06 -24.82
CA SER B 56 1.42 -17.51 -24.64
C SER B 56 1.23 -17.88 -23.16
N GLY B 57 0.26 -18.75 -22.91
CA GLY B 57 0.02 -19.27 -21.58
C GLY B 57 -1.04 -18.50 -20.81
N ILE B 58 -1.38 -17.29 -21.24
CA ILE B 58 -2.42 -16.48 -20.56
C ILE B 58 -3.78 -17.00 -21.04
N PRO B 59 -4.70 -17.26 -20.11
CA PRO B 59 -6.03 -17.76 -20.48
C PRO B 59 -6.78 -16.83 -21.44
N GLU B 60 -7.58 -17.43 -22.31
CA GLU B 60 -8.31 -16.72 -23.33
C GLU B 60 -9.30 -15.68 -22.76
N ARG B 61 -9.78 -15.91 -21.54
CA ARG B 61 -10.72 -14.99 -20.93
C ARG B 61 -10.20 -13.57 -20.69
N PHE B 62 -8.88 -13.40 -20.73
CA PHE B 62 -8.27 -12.06 -20.63
C PHE B 62 -8.21 -11.40 -22.00
N SER B 63 -8.77 -10.20 -22.11
CA SER B 63 -8.75 -9.45 -23.34
C SER B 63 -8.59 -8.00 -23.00
N GLY B 64 -8.44 -7.19 -24.03
CA GLY B 64 -8.28 -5.77 -23.80
C GLY B 64 -8.75 -4.94 -24.96
N SER B 65 -9.03 -3.67 -24.67
CA SER B 65 -9.51 -2.73 -25.67
C SER B 65 -9.06 -1.34 -25.27
N ASN B 66 -9.32 -0.38 -26.14
CA ASN B 66 -9.00 0.98 -25.84
C ASN B 66 -9.95 1.91 -26.56
N SER B 67 -10.15 3.07 -25.98
CA SER B 67 -10.99 4.10 -26.59
C SER B 67 -10.55 5.46 -26.02
N GLY B 68 -10.42 6.45 -26.89
CA GLY B 68 -9.97 7.75 -26.44
C GLY B 68 -8.58 7.62 -25.82
N ASN B 69 -8.42 8.26 -24.66
CA ASN B 69 -7.20 8.19 -23.88
C ASN B 69 -7.40 7.23 -22.71
N THR B 70 -8.19 6.17 -22.95
CA THR B 70 -8.38 5.10 -21.98
C THR B 70 -8.03 3.72 -22.56
N ALA B 71 -7.71 2.81 -21.66
CA ALA B 71 -7.46 1.41 -22.03
C ALA B 71 -8.14 0.53 -21.01
N THR B 72 -8.74 -0.56 -21.46
CA THR B 72 -9.56 -1.39 -20.59
C THR B 72 -9.13 -2.84 -20.67
N LEU B 73 -8.95 -3.45 -19.50
CA LEU B 73 -8.72 -4.90 -19.39
C LEU B 73 -10.06 -5.53 -19.07
N THR B 74 -10.40 -6.59 -19.80
CA THR B 74 -11.67 -7.26 -19.60
C THR B 74 -11.41 -8.74 -19.32
N ILE B 75 -12.06 -9.28 -18.28
CA ILE B 75 -11.95 -10.72 -17.95
C ILE B 75 -13.35 -11.30 -18.13
N SER B 76 -13.51 -12.12 -19.16
CA SER B 76 -14.85 -12.67 -19.50
C SER B 76 -15.08 -14.04 -18.88
N GLY B 77 -15.92 -14.08 -17.85
CA GLY B 77 -16.16 -15.27 -17.09
C GLY B 77 -15.14 -15.38 -15.98
N THR B 78 -15.21 -14.45 -15.03
CA THR B 78 -14.20 -14.36 -13.99
CA THR B 78 -14.20 -14.37 -13.97
C THR B 78 -14.21 -15.60 -13.08
N GLN B 79 -13.03 -16.05 -12.70
CA GLN B 79 -12.83 -17.14 -11.78
C GLN B 79 -12.24 -16.64 -10.49
N ALA B 80 -12.47 -17.37 -9.40
CA ALA B 80 -11.92 -17.01 -8.10
C ALA B 80 -10.40 -16.77 -8.15
N MET B 81 -9.68 -17.53 -8.98
CA MET B 81 -8.22 -17.39 -9.13
C MET B 81 -7.79 -16.07 -9.75
N ASP B 82 -8.74 -15.32 -10.31
CA ASP B 82 -8.42 -14.04 -10.96
C ASP B 82 -8.39 -12.89 -9.97
N GLU B 83 -8.80 -13.12 -8.73
CA GLU B 83 -8.68 -12.10 -7.70
C GLU B 83 -7.22 -11.74 -7.52
N ALA B 84 -6.91 -10.46 -7.72
CA ALA B 84 -5.54 -10.01 -7.81
C ALA B 84 -5.54 -8.50 -7.98
N ASP B 85 -4.35 -7.90 -7.92
CA ASP B 85 -4.16 -6.50 -8.32
C ASP B 85 -3.80 -6.48 -9.80
N TYR B 86 -4.35 -5.51 -10.52
CA TYR B 86 -4.05 -5.33 -11.94
C TYR B 86 -3.56 -3.92 -12.16
N TYR B 87 -2.41 -3.79 -12.83
CA TYR B 87 -1.78 -2.51 -13.13
C TYR B 87 -1.68 -2.32 -14.62
N CYS B 88 -2.10 -1.16 -15.10
CA CYS B 88 -1.79 -0.79 -16.48
C CYS B 88 -0.42 -0.12 -16.52
N GLN B 89 0.17 -0.07 -17.71
CA GLN B 89 1.48 0.53 -17.88
C GLN B 89 1.62 1.05 -19.30
N ALA B 90 2.19 2.24 -19.39
CA ALA B 90 2.58 2.79 -20.69
C ALA B 90 3.83 3.65 -20.48
N TRP B 91 4.00 4.71 -21.26
CA TRP B 91 5.16 5.57 -21.10
C TRP B 91 4.75 6.98 -21.48
N ASP B 92 5.59 7.95 -21.12
CA ASP B 92 5.39 9.32 -21.59
C ASP B 92 6.69 9.81 -22.24
N SER B 93 6.88 11.13 -22.29
CA SER B 93 8.02 11.70 -22.98
C SER B 93 9.40 11.34 -22.41
N SER B 94 9.47 10.94 -21.13
CA SER B 94 10.77 10.64 -20.47
C SER B 94 10.78 9.42 -19.51
N THR B 95 9.64 8.75 -19.33
CA THR B 95 9.54 7.76 -18.26
C THR B 95 8.54 6.65 -18.63
N VAL B 96 8.70 5.52 -17.96
CA VAL B 96 7.65 4.49 -17.92
C VAL B 96 6.69 4.89 -16.81
N VAL B 97 5.39 4.68 -17.06
CA VAL B 97 4.32 5.11 -16.18
CA VAL B 97 4.37 5.07 -16.11
C VAL B 97 3.45 3.88 -15.85
N PHE B 98 3.22 3.62 -14.56
CA PHE B 98 2.26 2.61 -14.11
C PHE B 98 1.04 3.29 -13.56
N GLY B 99 -0.11 2.68 -13.81
CA GLY B 99 -1.32 3.07 -13.08
C GLY B 99 -1.21 2.67 -11.61
N GLY B 100 -2.09 3.23 -10.78
CA GLY B 100 -2.04 2.99 -9.35
C GLY B 100 -2.53 1.64 -8.86
N GLY B 101 -3.08 0.84 -9.77
CA GLY B 101 -3.56 -0.50 -9.49
C GLY B 101 -5.04 -0.57 -9.15
N THR B 102 -5.67 -1.65 -9.58
CA THR B 102 -7.04 -1.97 -9.21
C THR B 102 -7.00 -3.33 -8.58
N LYS B 103 -7.62 -3.47 -7.39
CA LYS B 103 -7.85 -4.77 -6.83
C LYS B 103 -9.16 -5.31 -7.40
N LEU B 104 -9.08 -6.42 -8.13
CA LEU B 104 -10.27 -7.15 -8.54
C LEU B 104 -10.63 -8.12 -7.43
N THR B 105 -11.79 -7.89 -6.80
CA THR B 105 -12.33 -8.85 -5.87
C THR B 105 -13.37 -9.71 -6.60
N VAL B 106 -13.20 -11.02 -6.51
CA VAL B 106 -14.18 -11.98 -7.01
C VAL B 106 -15.01 -12.39 -5.79
N LEU B 107 -16.26 -11.94 -5.79
CA LEU B 107 -17.08 -11.95 -4.56
C LEU B 107 -17.31 -13.37 -4.04
N GLY B 108 -16.91 -13.62 -2.79
CA GLY B 108 -17.14 -14.92 -2.12
C GLY B 108 -18.09 -14.85 -0.92
N GLN B 109 -18.62 -13.66 -0.68
CA GLN B 109 -19.52 -13.39 0.45
C GLN B 109 -20.29 -12.12 0.14
N PRO B 110 -21.35 -11.84 0.92
CA PRO B 110 -22.10 -10.60 0.64
C PRO B 110 -21.26 -9.33 0.81
N LYS B 111 -21.56 -8.29 0.06
CA LYS B 111 -20.93 -7.01 0.31
C LYS B 111 -21.31 -6.49 1.69
N SER B 112 -20.41 -5.72 2.30
CA SER B 112 -20.59 -5.19 3.63
C SER B 112 -19.92 -3.83 3.67
N SER B 113 -20.69 -2.81 4.06
CA SER B 113 -20.19 -1.45 4.18
C SER B 113 -19.36 -1.28 5.46
N PRO B 114 -18.42 -0.34 5.46
CA PRO B 114 -17.56 -0.17 6.63
C PRO B 114 -18.29 0.44 7.83
N SER B 115 -17.92 -0.04 9.02
CA SER B 115 -18.32 0.59 10.28
C SER B 115 -17.18 1.48 10.69
N VAL B 116 -17.47 2.77 10.88
CA VAL B 116 -16.43 3.77 11.12
C VAL B 116 -16.60 4.34 12.52
N THR B 117 -15.47 4.51 13.23
CA THR B 117 -15.41 5.15 14.53
C THR B 117 -14.24 6.13 14.55
N LEU B 118 -14.49 7.35 15.00
CA LEU B 118 -13.47 8.39 15.07
C LEU B 118 -13.22 8.75 16.53
N PHE B 119 -11.97 8.71 16.93
CA PHE B 119 -11.55 9.01 18.30
C PHE B 119 -10.73 10.29 18.31
N PRO B 120 -10.95 11.16 19.31
CA PRO B 120 -10.14 12.37 19.48
C PRO B 120 -8.79 12.05 20.13
N PRO B 121 -7.86 13.00 20.14
CA PRO B 121 -6.64 12.83 20.95
C PRO B 121 -6.98 12.75 22.42
N SER B 122 -6.19 11.97 23.15
CA SER B 122 -6.30 11.87 24.60
C SER B 122 -5.71 13.11 25.25
N SER B 123 -6.20 13.48 26.44
CA SER B 123 -5.58 14.60 27.17
C SER B 123 -4.11 14.28 27.49
N GLU B 124 -3.82 12.99 27.72
CA GLU B 124 -2.44 12.54 27.96
C GLU B 124 -1.53 12.88 26.81
N GLU B 125 -1.97 12.54 25.59
CA GLU B 125 -1.14 12.89 24.42
C GLU B 125 -0.97 14.40 24.24
N LEU B 126 -2.02 15.18 24.49
CA LEU B 126 -1.95 16.62 24.28
C LEU B 126 -0.90 17.31 25.18
N GLU B 127 -0.69 16.76 26.38
CA GLU B 127 0.42 17.18 27.26
C GLU B 127 1.80 17.11 26.58
N THR B 128 1.94 16.31 25.51
CA THR B 128 3.21 16.18 24.78
C THR B 128 3.34 17.10 23.56
N ASN B 129 2.42 18.06 23.39
CA ASN B 129 2.39 18.95 22.21
C ASN B 129 2.07 18.26 20.89
N LYS B 130 1.42 17.09 20.97
CA LYS B 130 1.04 16.32 19.79
C LYS B 130 -0.41 15.85 19.92
N ALA B 131 -1.07 15.61 18.79
CA ALA B 131 -2.46 15.17 18.79
C ALA B 131 -2.72 14.17 17.68
N THR B 132 -3.20 12.98 18.00
CA THR B 132 -3.51 11.98 17.00
C THR B 132 -5.00 11.66 17.03
N LEU B 133 -5.67 11.79 15.89
CA LEU B 133 -7.03 11.29 15.74
C LEU B 133 -6.93 9.89 15.12
N VAL B 134 -7.77 8.97 15.58
CA VAL B 134 -7.78 7.60 15.12
C VAL B 134 -9.14 7.28 14.53
N CYS B 135 -9.13 6.84 13.27
CA CYS B 135 -10.34 6.45 12.56
C CYS B 135 -10.25 4.97 12.32
N THR B 136 -11.06 4.20 13.02
CA THR B 136 -11.08 2.76 12.85
C THR B 136 -12.19 2.39 11.89
N ILE B 137 -11.94 1.34 11.11
CA ILE B 137 -12.79 0.96 9.97
C ILE B 137 -12.87 -0.56 9.94
N THR B 138 -14.07 -1.10 10.18
CA THR B 138 -14.24 -2.54 10.32
C THR B 138 -15.38 -3.08 9.47
N ASP B 139 -15.39 -4.40 9.34
CA ASP B 139 -16.50 -5.15 8.74
C ASP B 139 -16.83 -4.75 7.31
N PHE B 140 -15.82 -4.48 6.50
CA PHE B 140 -16.06 -4.14 5.10
C PHE B 140 -15.62 -5.23 4.13
N TYR B 141 -16.39 -5.35 3.04
CA TYR B 141 -16.10 -6.33 1.99
C TYR B 141 -16.77 -5.84 0.73
N PRO B 142 -16.07 -5.72 -0.41
CA PRO B 142 -14.65 -6.11 -0.61
C PRO B 142 -13.66 -5.31 0.23
N GLY B 143 -12.43 -5.80 0.27
CA GLY B 143 -11.42 -5.26 1.17
C GLY B 143 -10.60 -4.12 0.68
N VAL B 144 -11.26 -3.10 0.14
CA VAL B 144 -10.59 -1.88 -0.32
C VAL B 144 -11.41 -0.68 0.08
N VAL B 145 -10.76 0.27 0.74
CA VAL B 145 -11.38 1.57 1.06
C VAL B 145 -10.44 2.69 0.67
N THR B 146 -11.00 3.88 0.47
CA THR B 146 -10.23 5.10 0.35
C THR B 146 -10.62 5.98 1.52
N VAL B 147 -9.63 6.59 2.15
CA VAL B 147 -9.88 7.42 3.34
C VAL B 147 -9.47 8.85 3.04
N ASP B 148 -10.38 9.76 3.35
CA ASP B 148 -10.16 11.18 3.21
C ASP B 148 -10.47 11.86 4.53
N TRP B 149 -9.55 12.74 4.93
CA TRP B 149 -9.71 13.56 6.13
C TRP B 149 -10.02 15.03 5.78
N LYS B 150 -10.91 15.63 6.55
CA LYS B 150 -11.17 17.07 6.48
C LYS B 150 -11.05 17.71 7.86
N VAL B 151 -10.50 18.93 7.86
CA VAL B 151 -10.42 19.75 9.06
C VAL B 151 -11.09 21.10 8.74
N ASP B 152 -12.12 21.46 9.48
CA ASP B 152 -12.93 22.67 9.19
C ASP B 152 -13.38 22.66 7.71
N GLY B 153 -13.91 21.52 7.29
CA GLY B 153 -14.34 21.33 5.91
C GLY B 153 -13.29 21.25 4.81
N THR B 154 -12.02 21.51 5.11
CA THR B 154 -10.95 21.56 4.11
C THR B 154 -10.25 20.21 4.06
N PRO B 155 -10.04 19.66 2.85
CA PRO B 155 -9.29 18.42 2.73
C PRO B 155 -7.90 18.55 3.29
N VAL B 156 -7.47 17.56 4.07
CA VAL B 156 -6.12 17.53 4.61
C VAL B 156 -5.29 16.79 3.58
N THR B 157 -4.05 17.24 3.38
CA THR B 157 -3.10 16.59 2.47
C THR B 157 -1.90 15.99 3.22
N GLN B 158 -1.64 16.45 4.45
CA GLN B 158 -0.46 16.10 5.23
C GLN B 158 -0.80 15.45 6.57
N GLY B 159 0.16 14.69 7.11
CA GLY B 159 0.06 14.13 8.46
C GLY B 159 -0.80 12.89 8.66
N MET B 160 -1.16 12.22 7.58
CA MET B 160 -2.05 11.07 7.65
C MET B 160 -1.34 9.79 7.21
N GLU B 161 -1.67 8.70 7.89
CA GLU B 161 -1.23 7.37 7.50
C GLU B 161 -2.40 6.44 7.66
N THR B 162 -2.59 5.54 6.68
CA THR B 162 -3.65 4.55 6.71
C THR B 162 -3.03 3.17 6.55
N THR B 163 -3.51 2.24 7.35
CA THR B 163 -2.99 0.87 7.33
C THR B 163 -3.49 0.18 6.06
N GLN B 164 -2.78 -0.86 5.68
CA GLN B 164 -3.24 -1.79 4.69
C GLN B 164 -4.46 -2.49 5.29
N PRO B 165 -5.45 -2.86 4.47
CA PRO B 165 -6.58 -3.63 5.00
C PRO B 165 -6.14 -5.03 5.40
N SER B 166 -6.75 -5.60 6.44
CA SER B 166 -6.46 -6.95 6.87
C SER B 166 -7.72 -7.71 7.21
N LYS B 167 -7.62 -9.02 7.12
CA LYS B 167 -8.77 -9.90 7.32
C LYS B 167 -9.09 -10.09 8.77
N GLN B 168 -10.37 -9.97 9.09
CA GLN B 168 -10.93 -10.27 10.39
C GLN B 168 -11.27 -11.75 10.50
N SER B 169 -11.54 -12.21 11.70
CA SER B 169 -11.96 -13.60 11.97
C SER B 169 -13.22 -14.02 11.22
N ASN B 170 -14.14 -13.07 11.03
CA ASN B 170 -15.36 -13.31 10.24
C ASN B 170 -15.14 -13.21 8.73
N ASN B 171 -13.90 -12.98 8.32
CA ASN B 171 -13.49 -12.97 6.92
C ASN B 171 -13.85 -11.70 6.15
N LYS B 172 -14.35 -10.68 6.84
CA LYS B 172 -14.45 -9.33 6.30
C LYS B 172 -13.11 -8.63 6.56
N TYR B 173 -12.99 -7.35 6.20
CA TYR B 173 -11.74 -6.62 6.35
C TYR B 173 -11.85 -5.43 7.28
N MET B 174 -10.69 -5.03 7.81
CA MET B 174 -10.57 -3.88 8.67
C MET B 174 -9.34 -3.07 8.32
N ALA B 175 -9.33 -1.80 8.72
CA ALA B 175 -8.19 -0.92 8.54
C ALA B 175 -8.33 0.24 9.51
N SER B 176 -7.25 0.97 9.72
CA SER B 176 -7.33 2.17 10.54
C SER B 176 -6.55 3.31 9.91
N SER B 177 -6.95 4.54 10.19
CA SER B 177 -6.28 5.70 9.66
C SER B 177 -6.00 6.69 10.79
N TYR B 178 -4.87 7.38 10.70
CA TYR B 178 -4.35 8.27 11.75
C TYR B 178 -4.13 9.65 11.16
N LEU B 179 -4.61 10.70 11.83
CA LEU B 179 -4.24 12.08 11.48
C LEU B 179 -3.45 12.65 12.64
N THR B 180 -2.18 12.99 12.40
CA THR B 180 -1.34 13.52 13.47
C THR B 180 -1.19 15.00 13.24
N LEU B 181 -1.48 15.77 14.29
CA LEU B 181 -1.40 17.23 14.28
C LEU B 181 -0.55 17.65 15.46
N THR B 182 -0.03 18.87 15.42
CA THR B 182 0.47 19.51 16.64
C THR B 182 -0.70 19.76 17.59
N ALA B 183 -0.39 19.92 18.87
CA ALA B 183 -1.41 20.27 19.87
C ALA B 183 -2.04 21.62 19.51
N ARG B 184 -1.21 22.54 19.05
CA ARG B 184 -1.71 23.87 18.69
C ARG B 184 -2.63 23.85 17.47
N ALA B 185 -2.30 23.09 16.43
CA ALA B 185 -3.25 22.89 15.31
C ALA B 185 -4.57 22.25 15.75
N TRP B 186 -4.49 21.25 16.62
CA TRP B 186 -5.69 20.64 17.20
C TRP B 186 -6.59 21.70 17.88
N GLU B 187 -5.99 22.57 18.69
CA GLU B 187 -6.78 23.59 19.37
C GLU B 187 -7.38 24.65 18.40
N ARG B 188 -6.70 24.93 17.29
CA ARG B 188 -7.14 25.98 16.35
C ARG B 188 -8.37 25.62 15.55
N HIS B 189 -8.64 24.34 15.39
CA HIS B 189 -9.74 23.90 14.52
C HIS B 189 -10.83 23.26 15.34
N SER B 190 -12.06 23.35 14.82
CA SER B 190 -13.24 22.90 15.54
CA SER B 190 -13.27 22.93 15.51
C SER B 190 -13.82 21.59 15.02
N SER B 191 -13.82 21.40 13.70
CA SER B 191 -14.43 20.22 13.06
CA SER B 191 -14.43 20.22 13.09
C SER B 191 -13.37 19.31 12.47
N TYR B 192 -13.54 18.01 12.68
CA TYR B 192 -12.64 16.97 12.13
C TYR B 192 -13.47 15.82 11.60
N SER B 193 -13.15 15.35 10.39
CA SER B 193 -13.94 14.34 9.75
C SER B 193 -13.08 13.25 9.10
N CYS B 194 -13.48 12.00 9.30
CA CYS B 194 -12.89 10.86 8.61
C CYS B 194 -13.96 10.34 7.68
N GLN B 195 -13.64 10.31 6.39
CA GLN B 195 -14.58 9.92 5.33
C GLN B 195 -14.04 8.69 4.64
N VAL B 196 -14.80 7.61 4.70
CA VAL B 196 -14.35 6.32 4.12
C VAL B 196 -15.24 5.97 2.93
N THR B 197 -14.63 5.82 1.76
CA THR B 197 -15.35 5.47 0.54
C THR B 197 -15.13 4.00 0.22
N HIS B 198 -16.24 3.31 -0.03
CA HIS B 198 -16.29 1.88 -0.25
C HIS B 198 -17.45 1.57 -1.20
N GLU B 199 -17.15 0.90 -2.30
CA GLU B 199 -18.18 0.55 -3.30
C GLU B 199 -19.00 1.78 -3.73
N GLY B 200 -18.31 2.89 -3.97
CA GLY B 200 -18.93 4.13 -4.46
C GLY B 200 -19.74 4.96 -3.48
N HIS B 201 -19.82 4.53 -2.22
CA HIS B 201 -20.59 5.26 -1.20
C HIS B 201 -19.66 5.58 -0.05
N THR B 202 -19.86 6.74 0.54
CA THR B 202 -18.98 7.27 1.59
C THR B 202 -19.68 7.16 2.95
N VAL B 203 -18.95 6.66 3.95
CA VAL B 203 -19.42 6.61 5.35
C VAL B 203 -18.53 7.61 6.09
N GLU B 204 -19.16 8.57 6.76
CA GLU B 204 -18.42 9.65 7.42
C GLU B 204 -18.67 9.61 8.93
N LYS B 205 -17.62 9.91 9.70
CA LYS B 205 -17.75 10.24 11.14
C LYS B 205 -17.00 11.54 11.41
N SER B 206 -17.59 12.39 12.26
CA SER B 206 -16.99 13.68 12.59
CA SER B 206 -17.01 13.69 12.59
C SER B 206 -16.96 13.94 14.09
N LEU B 207 -16.06 14.84 14.48
CA LEU B 207 -15.93 15.37 15.84
C LEU B 207 -16.02 16.88 15.73
N SER B 208 -16.73 17.52 16.66
CA SER B 208 -16.86 18.98 16.69
C SER B 208 -16.86 19.52 18.12
N ARG B 209 -16.08 20.58 18.38
CA ARG B 209 -15.93 21.14 19.74
C ARG B 209 -17.10 22.03 20.17
#